data_2NAY
#
_entry.id   2NAY
#
_entity_poly.entity_id   1
_entity_poly.type   'polypeptide(L)'
_entity_poly.pdbx_seq_one_letter_code
;GCCSNPACILNNPNQC(NH2)
;
_entity_poly.pdbx_strand_id   A
#
loop_
_chem_comp.id
_chem_comp.type
_chem_comp.name
_chem_comp.formula
NH2 non-polymer 'AMINO GROUP' 'H2 N'
#
# COMPACT_ATOMS: atom_id res chain seq x y z
N GLY A 1 6.44 -0.14 5.59
CA GLY A 1 6.38 0.26 4.15
C GLY A 1 4.97 0.56 3.72
N CYS A 2 4.37 -0.34 2.94
CA CYS A 2 3.01 -0.14 2.45
C CYS A 2 2.06 -1.19 2.99
N CYS A 3 2.45 -1.86 4.07
CA CYS A 3 1.64 -2.91 4.66
C CYS A 3 0.44 -2.32 5.42
N SER A 4 0.63 -1.13 6.00
CA SER A 4 -0.45 -0.49 6.72
C SER A 4 -1.33 0.31 5.76
N ASN A 5 -1.02 1.59 5.57
CA ASN A 5 -1.74 2.40 4.58
C ASN A 5 -1.01 3.70 4.26
N PRO A 6 -0.14 3.65 3.25
CA PRO A 6 0.30 4.81 2.52
C PRO A 6 -0.47 4.92 1.21
N ALA A 7 0.10 5.54 0.19
CA ALA A 7 -0.59 5.66 -1.09
C ALA A 7 -0.64 4.33 -1.85
N CYS A 8 0.19 3.36 -1.43
CA CYS A 8 0.22 2.05 -2.06
C CYS A 8 -1.17 1.41 -2.07
N ILE A 9 -1.86 1.45 -0.95
CA ILE A 9 -3.15 0.74 -0.79
C ILE A 9 -4.17 1.19 -1.83
N LEU A 10 -4.14 2.50 -2.12
CA LEU A 10 -5.09 3.11 -3.06
C LEU A 10 -5.07 2.40 -4.42
N ASN A 11 -3.88 2.02 -4.88
CA ASN A 11 -3.75 1.28 -6.13
C ASN A 11 -3.66 -0.22 -5.84
N ASN A 12 -3.21 -0.50 -4.62
CA ASN A 12 -2.96 -1.86 -4.14
C ASN A 12 -2.03 -2.65 -5.07
N PRO A 13 -0.80 -2.13 -5.31
CA PRO A 13 0.23 -2.83 -6.04
C PRO A 13 1.04 -3.72 -5.09
N ASN A 14 1.74 -3.08 -4.17
CA ASN A 14 2.54 -3.77 -3.19
C ASN A 14 1.70 -4.14 -1.97
N GLN A 15 1.23 -3.12 -1.24
CA GLN A 15 0.43 -3.33 -0.03
C GLN A 15 1.20 -4.14 1.01
N CYS A 16 2.51 -3.88 1.11
CA CYS A 16 3.35 -4.31 2.22
C CYS A 16 4.82 -4.05 1.90
N NH2 A 17 5.23 -2.87 2.01
N GLY A 1 7.64 0.27 2.08
CA GLY A 1 6.84 0.50 3.31
C GLY A 1 5.39 0.81 3.00
N CYS A 2 4.64 -0.18 2.55
CA CYS A 2 3.24 0.01 2.20
C CYS A 2 2.36 -1.02 2.90
N CYS A 3 2.80 -1.47 4.06
CA CYS A 3 2.04 -2.44 4.83
C CYS A 3 1.16 -1.74 5.86
N SER A 4 1.51 -0.49 6.18
CA SER A 4 0.78 0.26 7.20
C SER A 4 -0.03 1.40 6.59
N ASN A 5 -0.41 1.24 5.32
CA ASN A 5 -1.24 2.22 4.60
C ASN A 5 -0.56 3.58 4.44
N PRO A 6 0.25 3.76 3.39
CA PRO A 6 0.68 5.07 2.94
C PRO A 6 -0.23 5.59 1.81
N ALA A 7 0.08 5.23 0.57
CA ALA A 7 -0.80 5.53 -0.56
C ALA A 7 -0.86 4.34 -1.52
N CYS A 8 -0.01 3.34 -1.24
CA CYS A 8 0.00 2.11 -2.03
C CYS A 8 -1.37 1.46 -2.09
N ILE A 9 -2.06 1.45 -0.97
CA ILE A 9 -3.32 0.72 -0.83
C ILE A 9 -4.34 1.20 -1.86
N LEU A 10 -4.21 2.46 -2.24
CA LEU A 10 -5.07 3.05 -3.26
C LEU A 10 -4.94 2.28 -4.59
N ASN A 11 -3.71 1.95 -4.98
CA ASN A 11 -3.47 1.30 -6.25
C ASN A 11 -3.30 -0.21 -6.08
N ASN A 12 -3.03 -0.60 -4.84
CA ASN A 12 -2.85 -2.00 -4.44
C ASN A 12 -1.67 -2.69 -5.15
N PRO A 13 -0.47 -2.06 -5.21
CA PRO A 13 0.71 -2.70 -5.76
C PRO A 13 1.44 -3.52 -4.71
N ASN A 14 1.73 -2.89 -3.58
CA ASN A 14 2.35 -3.57 -2.46
C ASN A 14 1.44 -3.51 -1.24
N GLN A 15 0.32 -4.18 -1.34
CA GLN A 15 -0.60 -4.27 -0.23
C GLN A 15 -0.31 -5.51 0.59
N CYS A 16 0.42 -5.31 1.68
CA CYS A 16 0.80 -6.41 2.57
C CYS A 16 -0.43 -6.93 3.33
N NH2 A 17 -1.13 -7.80 2.79
N GLY A 1 7.88 -0.07 2.36
CA GLY A 1 6.65 0.18 3.16
C GLY A 1 5.40 -0.22 2.42
N CYS A 2 4.36 0.59 2.56
CA CYS A 2 3.10 0.36 1.88
C CYS A 2 2.44 -0.94 2.34
N CYS A 3 2.69 -1.30 3.59
CA CYS A 3 2.10 -2.49 4.17
C CYS A 3 0.81 -2.15 4.93
N SER A 4 0.80 -1.01 5.59
CA SER A 4 -0.38 -0.58 6.33
C SER A 4 -1.24 0.35 5.47
N ASN A 5 -0.87 1.62 5.40
CA ASN A 5 -1.60 2.59 4.58
C ASN A 5 -0.87 3.93 4.47
N PRO A 6 0.07 4.03 3.52
CA PRO A 6 0.67 5.29 3.14
C PRO A 6 -0.07 5.94 1.97
N ALA A 7 0.20 5.46 0.76
CA ALA A 7 -0.58 5.87 -0.42
C ALA A 7 -0.66 4.74 -1.44
N CYS A 8 0.17 3.72 -1.26
CA CYS A 8 0.20 2.57 -2.15
C CYS A 8 -1.14 1.83 -2.20
N ILE A 9 -1.75 1.64 -1.04
CA ILE A 9 -2.99 0.84 -0.92
C ILE A 9 -4.05 1.32 -1.89
N LEU A 10 -4.03 2.62 -2.15
CA LEU A 10 -4.96 3.22 -3.10
C LEU A 10 -4.89 2.54 -4.47
N ASN A 11 -3.71 2.10 -4.85
CA ASN A 11 -3.51 1.45 -6.15
C ASN A 11 -3.29 -0.05 -6.00
N ASN A 12 -2.98 -0.45 -4.77
CA ASN A 12 -2.75 -1.86 -4.40
C ASN A 12 -1.61 -2.48 -5.22
N PRO A 13 -0.37 -1.95 -5.09
CA PRO A 13 0.79 -2.50 -5.78
C PRO A 13 1.31 -3.74 -5.08
N ASN A 14 1.80 -3.55 -3.86
CA ASN A 14 2.24 -4.65 -3.03
C ASN A 14 1.15 -5.03 -2.04
N GLN A 15 0.84 -4.10 -1.12
CA GLN A 15 -0.13 -4.33 -0.05
C GLN A 15 0.23 -5.59 0.73
N CYS A 16 1.10 -5.41 1.71
CA CYS A 16 1.60 -6.50 2.53
C CYS A 16 0.44 -7.17 3.29
N NH2 A 17 -0.05 -8.22 2.82
N GLY A 1 7.47 0.24 2.83
CA GLY A 1 6.59 0.78 3.89
C GLY A 1 5.13 0.82 3.47
N CYS A 2 4.81 0.22 2.34
CA CYS A 2 3.46 0.25 1.82
C CYS A 2 2.60 -0.87 2.40
N CYS A 3 2.55 -0.91 3.72
CA CYS A 3 1.70 -1.88 4.41
C CYS A 3 0.51 -1.17 5.03
N SER A 4 0.77 -0.33 6.03
CA SER A 4 -0.28 0.31 6.81
C SER A 4 -0.82 1.57 6.13
N ASN A 5 -1.22 1.40 4.88
CA ASN A 5 -1.88 2.44 4.09
C ASN A 5 -1.13 3.78 4.10
N PRO A 6 0.00 3.88 3.39
CA PRO A 6 0.64 5.15 3.12
C PRO A 6 0.00 5.82 1.90
N ALA A 7 0.22 5.24 0.73
CA ALA A 7 -0.43 5.67 -0.49
C ALA A 7 -0.58 4.51 -1.48
N CYS A 8 0.34 3.55 -1.38
CA CYS A 8 0.37 2.38 -2.25
C CYS A 8 -0.96 1.65 -2.30
N ILE A 9 -1.58 1.43 -1.14
CA ILE A 9 -2.77 0.58 -1.04
C ILE A 9 -3.86 1.07 -1.97
N LEU A 10 -3.94 2.38 -2.12
CA LEU A 10 -4.94 2.98 -3.00
C LEU A 10 -4.78 2.49 -4.44
N ASN A 11 -3.58 2.08 -4.81
CA ASN A 11 -3.32 1.55 -6.15
C ASN A 11 -3.28 0.03 -6.15
N ASN A 12 -3.13 -0.54 -4.94
CA ASN A 12 -3.04 -1.99 -4.73
C ASN A 12 -1.90 -2.66 -5.52
N PRO A 13 -0.67 -2.12 -5.46
CA PRO A 13 0.47 -2.73 -6.12
C PRO A 13 1.12 -3.80 -5.24
N ASN A 14 1.66 -3.36 -4.12
CA ASN A 14 2.30 -4.24 -3.15
C ASN A 14 1.28 -4.80 -2.18
N GLN A 15 0.83 -3.93 -1.27
CA GLN A 15 -0.09 -4.31 -0.20
C GLN A 15 0.47 -5.47 0.62
N CYS A 16 1.07 -5.15 1.75
CA CYS A 16 1.64 -6.16 2.64
C CYS A 16 0.55 -7.09 3.17
N NH2 A 17 -0.12 -6.73 4.16
N GLY A 1 6.35 1.50 5.31
CA GLY A 1 6.09 0.52 4.24
C GLY A 1 4.64 0.56 3.76
N CYS A 2 4.33 -0.24 2.76
CA CYS A 2 3.00 -0.22 2.16
C CYS A 2 2.00 -1.08 2.93
N CYS A 3 2.26 -1.30 4.21
CA CYS A 3 1.33 -2.02 5.06
C CYS A 3 0.82 -1.09 6.16
N SER A 4 1.29 0.15 6.15
CA SER A 4 0.83 1.16 7.11
C SER A 4 0.01 2.23 6.41
N ASN A 5 -0.48 1.88 5.22
CA ASN A 5 -1.26 2.77 4.37
C ASN A 5 -0.49 4.05 4.01
N PRO A 6 0.36 3.97 2.99
CA PRO A 6 0.92 5.13 2.34
C PRO A 6 0.06 5.55 1.14
N ALA A 7 0.28 4.90 0.00
CA ALA A 7 -0.60 5.03 -1.15
C ALA A 7 -0.71 3.69 -1.88
N CYS A 8 0.00 2.69 -1.36
CA CYS A 8 0.00 1.36 -1.93
C CYS A 8 -1.34 0.66 -1.79
N ILE A 9 -2.04 0.95 -0.72
CA ILE A 9 -3.35 0.33 -0.48
C ILE A 9 -4.32 0.79 -1.55
N LEU A 10 -4.20 2.06 -1.93
CA LEU A 10 -5.06 2.66 -2.94
C LEU A 10 -4.86 2.00 -4.30
N ASN A 11 -3.65 2.13 -4.85
CA ASN A 11 -3.38 1.66 -6.21
C ASN A 11 -3.21 0.15 -6.28
N ASN A 12 -2.98 -0.45 -5.11
CA ASN A 12 -2.75 -1.88 -4.96
C ASN A 12 -1.56 -2.39 -5.80
N PRO A 13 -0.38 -1.72 -5.75
CA PRO A 13 0.80 -2.19 -6.47
C PRO A 13 1.62 -3.17 -5.64
N ASN A 14 1.31 -3.22 -4.35
CA ASN A 14 2.10 -4.02 -3.42
C ASN A 14 1.25 -4.44 -2.22
N GLN A 15 0.88 -3.46 -1.38
CA GLN A 15 0.21 -3.77 -0.11
C GLN A 15 1.04 -4.81 0.67
N CYS A 16 0.42 -5.54 1.58
CA CYS A 16 1.13 -6.54 2.34
C CYS A 16 0.34 -7.85 2.38
N NH2 A 17 -0.64 -7.94 3.13
N GLY A 1 7.69 1.51 3.80
CA GLY A 1 6.48 0.89 4.39
C GLY A 1 5.27 1.05 3.48
N CYS A 2 4.53 -0.04 3.30
CA CYS A 2 3.36 -0.02 2.44
C CYS A 2 2.32 -1.04 2.88
N CYS A 3 2.15 -1.19 4.19
CA CYS A 3 1.16 -2.15 4.70
C CYS A 3 -0.03 -1.42 5.33
N SER A 4 0.21 -0.21 5.83
CA SER A 4 -0.86 0.58 6.42
C SER A 4 -1.70 1.24 5.31
N ASN A 5 -1.27 2.41 4.84
CA ASN A 5 -1.80 2.99 3.60
C ASN A 5 -1.16 4.34 3.27
N PRO A 6 0.09 4.32 2.79
CA PRO A 6 0.69 5.51 2.20
C PRO A 6 0.11 5.77 0.81
N ALA A 7 0.21 4.77 -0.05
CA ALA A 7 -0.38 4.80 -1.38
C ALA A 7 -0.39 3.39 -1.96
N CYS A 8 0.53 2.56 -1.47
CA CYS A 8 0.67 1.17 -1.90
C CYS A 8 -0.59 0.35 -1.68
N ILE A 9 -1.39 0.75 -0.73
CA ILE A 9 -2.67 0.08 -0.47
C ILE A 9 -3.75 0.65 -1.39
N LEU A 10 -3.87 1.97 -1.35
CA LEU A 10 -4.86 2.69 -2.17
C LEU A 10 -4.79 2.25 -3.64
N ASN A 11 -3.61 2.36 -4.23
CA ASN A 11 -3.44 1.99 -5.63
C ASN A 11 -3.22 0.48 -5.75
N ASN A 12 -2.84 -0.09 -4.61
CA ASN A 12 -2.61 -1.53 -4.44
C ASN A 12 -1.62 -2.12 -5.45
N PRO A 13 -0.42 -1.50 -5.63
CA PRO A 13 0.62 -2.06 -6.48
C PRO A 13 1.59 -2.94 -5.71
N ASN A 14 1.37 -3.00 -4.41
CA ASN A 14 2.26 -3.73 -3.51
C ASN A 14 1.46 -4.40 -2.42
N GLN A 15 0.81 -3.60 -1.58
CA GLN A 15 0.09 -4.10 -0.41
C GLN A 15 0.96 -5.05 0.45
N CYS A 16 0.39 -5.68 1.45
CA CYS A 16 1.14 -6.58 2.31
C CYS A 16 0.40 -7.90 2.50
N NH2 A 17 0.76 -8.88 1.81
N GLY A 1 6.09 1.91 5.56
CA GLY A 1 6.05 1.25 4.23
C GLY A 1 4.64 1.09 3.73
N CYS A 2 4.46 0.35 2.64
CA CYS A 2 3.15 0.19 2.03
C CYS A 2 2.37 -0.98 2.63
N CYS A 3 2.83 -1.46 3.79
CA CYS A 3 2.07 -2.44 4.54
C CYS A 3 1.06 -1.72 5.43
N SER A 4 1.48 -0.56 5.95
CA SER A 4 0.57 0.33 6.65
C SER A 4 0.20 1.47 5.72
N ASN A 5 -1.09 1.56 5.38
CA ASN A 5 -1.61 2.43 4.31
C ASN A 5 -0.92 3.79 4.20
N PRO A 6 0.00 3.93 3.22
CA PRO A 6 0.51 5.23 2.80
C PRO A 6 -0.23 5.74 1.55
N ALA A 7 0.13 5.19 0.39
CA ALA A 7 -0.59 5.48 -0.84
C ALA A 7 -0.72 4.22 -1.71
N CYS A 8 0.22 3.28 -1.53
CA CYS A 8 0.22 2.04 -2.30
C CYS A 8 -1.13 1.34 -2.31
N ILE A 9 -1.76 1.24 -1.15
CA ILE A 9 -3.02 0.50 -1.00
C ILE A 9 -4.08 1.00 -1.98
N LEU A 10 -4.01 2.29 -2.30
CA LEU A 10 -4.97 2.92 -3.19
C LEU A 10 -4.84 2.38 -4.62
N ASN A 11 -3.65 1.92 -4.98
CA ASN A 11 -3.39 1.42 -6.32
C ASN A 11 -3.22 -0.10 -6.31
N ASN A 12 -3.03 -0.63 -5.10
CA ASN A 12 -2.87 -2.06 -4.84
C ASN A 12 -1.77 -2.72 -5.68
N PRO A 13 -0.54 -2.17 -5.70
CA PRO A 13 0.57 -2.78 -6.44
C PRO A 13 1.15 -3.95 -5.67
N ASN A 14 1.51 -3.70 -4.42
CA ASN A 14 2.05 -4.73 -3.55
C ASN A 14 1.11 -5.02 -2.39
N GLN A 15 0.74 -3.97 -1.64
CA GLN A 15 -0.11 -4.10 -0.46
C GLN A 15 0.59 -5.05 0.55
N CYS A 16 -0.17 -5.64 1.45
CA CYS A 16 0.42 -6.41 2.54
C CYS A 16 -0.66 -7.24 3.24
N NH2 A 17 -1.32 -6.72 4.17
N GLY A 1 7.55 0.28 3.29
CA GLY A 1 6.42 0.52 4.20
C GLY A 1 5.14 0.83 3.47
N CYS A 2 4.48 -0.21 2.96
CA CYS A 2 3.18 -0.04 2.29
C CYS A 2 2.16 -1.01 2.84
N CYS A 3 2.48 -1.64 3.96
CA CYS A 3 1.57 -2.60 4.57
C CYS A 3 0.46 -1.89 5.34
N SER A 4 0.77 -0.73 5.92
CA SER A 4 -0.22 0.02 6.69
C SER A 4 -1.12 0.83 5.77
N ASN A 5 -0.67 2.04 5.39
CA ASN A 5 -1.43 2.86 4.44
C ASN A 5 -0.64 4.06 3.96
N PRO A 6 0.13 3.88 2.89
CA PRO A 6 0.53 4.94 1.99
C PRO A 6 -0.37 4.90 0.75
N ALA A 7 0.11 5.33 -0.39
CA ALA A 7 -0.69 5.26 -1.61
C ALA A 7 -0.71 3.81 -2.14
N CYS A 8 0.17 2.98 -1.61
CA CYS A 8 0.27 1.58 -2.03
C CYS A 8 -1.03 0.81 -1.85
N ILE A 9 -1.81 1.19 -0.86
CA ILE A 9 -3.11 0.54 -0.63
C ILE A 9 -4.09 0.91 -1.72
N LEU A 10 -4.20 2.20 -1.98
CA LEU A 10 -5.18 2.74 -2.93
C LEU A 10 -4.97 2.19 -4.33
N ASN A 11 -3.74 2.27 -4.82
CA ASN A 11 -3.42 1.75 -6.15
C ASN A 11 -3.19 0.24 -6.11
N ASN A 12 -2.90 -0.22 -4.91
CA ASN A 12 -2.73 -1.64 -4.57
C ASN A 12 -1.64 -2.35 -5.42
N PRO A 13 -0.44 -1.74 -5.61
CA PRO A 13 0.65 -2.41 -6.30
C PRO A 13 1.60 -3.11 -5.34
N ASN A 14 1.51 -2.76 -4.06
CA ASN A 14 2.41 -3.30 -3.06
C ASN A 14 1.69 -3.42 -1.71
N GLN A 15 0.50 -3.99 -1.73
CA GLN A 15 -0.19 -4.30 -0.51
C GLN A 15 0.33 -5.61 0.07
N CYS A 16 0.35 -5.70 1.38
CA CYS A 16 0.91 -6.86 2.07
C CYS A 16 -0.12 -7.98 2.19
N NH2 A 17 -1.04 -7.87 3.03
N GLY A 1 6.87 -0.95 4.04
CA GLY A 1 6.47 0.45 3.73
C GLY A 1 4.98 0.58 3.45
N CYS A 2 4.45 -0.27 2.59
CA CYS A 2 3.06 -0.15 2.16
C CYS A 2 2.10 -0.95 3.03
N CYS A 3 2.62 -1.61 4.05
CA CYS A 3 1.79 -2.38 4.96
C CYS A 3 1.33 -1.48 6.11
N SER A 4 1.67 -0.21 6.02
CA SER A 4 1.28 0.77 7.03
C SER A 4 0.34 1.81 6.44
N ASN A 5 -0.45 1.36 5.46
CA ASN A 5 -1.44 2.19 4.76
C ASN A 5 -0.87 3.54 4.27
N PRO A 6 -0.04 3.48 3.23
CA PRO A 6 0.30 4.65 2.45
C PRO A 6 -0.52 4.67 1.15
N ALA A 7 -0.02 5.29 0.10
CA ALA A 7 -0.75 5.35 -1.16
C ALA A 7 -0.81 3.98 -1.86
N CYS A 8 -0.02 3.02 -1.38
CA CYS A 8 -0.03 1.67 -1.94
C CYS A 8 -1.42 1.04 -1.85
N ILE A 9 -2.18 1.41 -0.85
CA ILE A 9 -3.52 0.84 -0.67
C ILE A 9 -4.47 1.38 -1.72
N LEU A 10 -4.14 2.58 -2.21
CA LEU A 10 -4.94 3.23 -3.24
C LEU A 10 -4.89 2.45 -4.56
N ASN A 11 -3.69 2.08 -4.98
CA ASN A 11 -3.52 1.43 -6.28
C ASN A 11 -3.38 -0.08 -6.12
N ASN A 12 -3.10 -0.50 -4.89
CA ASN A 12 -2.94 -1.90 -4.50
C ASN A 12 -1.88 -2.64 -5.34
N PRO A 13 -0.64 -2.12 -5.43
CA PRO A 13 0.45 -2.81 -6.09
C PRO A 13 1.16 -3.77 -5.13
N ASN A 14 1.78 -3.18 -4.11
CA ASN A 14 2.44 -3.96 -3.08
C ASN A 14 1.48 -4.24 -1.93
N GLN A 15 1.10 -3.18 -1.22
CA GLN A 15 0.25 -3.27 -0.05
C GLN A 15 0.91 -4.14 1.02
N CYS A 16 0.49 -5.39 1.15
CA CYS A 16 1.01 -6.27 2.19
C CYS A 16 0.53 -7.69 1.95
N NH2 A 17 1.22 -8.43 1.21
N GLY A 1 7.49 -1.84 2.70
CA GLY A 1 6.39 -1.21 3.48
C GLY A 1 5.07 -1.27 2.74
N CYS A 2 4.33 -0.16 2.79
CA CYS A 2 3.03 -0.07 2.14
C CYS A 2 2.03 -1.06 2.72
N CYS A 3 2.18 -1.36 4.01
CA CYS A 3 1.30 -2.29 4.68
C CYS A 3 0.13 -1.56 5.33
N SER A 4 0.40 -0.50 6.07
CA SER A 4 -0.65 0.26 6.74
C SER A 4 -1.39 1.15 5.74
N ASN A 5 -0.82 2.31 5.44
CA ASN A 5 -1.35 3.20 4.41
C ASN A 5 -0.45 4.40 4.18
N PRO A 6 0.61 4.22 3.39
CA PRO A 6 1.40 5.33 2.90
C PRO A 6 0.77 5.90 1.63
N ALA A 7 0.41 4.99 0.72
CA ALA A 7 -0.30 5.34 -0.50
C ALA A 7 -0.68 4.07 -1.27
N CYS A 8 0.26 3.11 -1.30
CA CYS A 8 0.11 1.85 -2.04
C CYS A 8 -1.28 1.21 -1.94
N ILE A 9 -1.86 1.27 -0.76
CA ILE A 9 -3.16 0.64 -0.49
C ILE A 9 -4.21 1.05 -1.53
N LEU A 10 -4.07 2.27 -2.03
CA LEU A 10 -5.02 2.83 -2.98
C LEU A 10 -4.98 2.08 -4.33
N ASN A 11 -3.80 1.87 -4.88
CA ASN A 11 -3.66 1.28 -6.21
C ASN A 11 -3.35 -0.21 -6.15
N ASN A 12 -2.97 -0.66 -4.96
CA ASN A 12 -2.59 -2.06 -4.73
C ASN A 12 -1.40 -2.49 -5.61
N PRO A 13 -0.28 -1.72 -5.62
CA PRO A 13 0.91 -2.12 -6.37
C PRO A 13 1.76 -3.12 -5.60
N ASN A 14 1.46 -3.22 -4.32
CA ASN A 14 2.22 -4.06 -3.41
C ASN A 14 1.35 -4.47 -2.23
N GLN A 15 1.08 -3.51 -1.34
CA GLN A 15 0.33 -3.80 -0.11
C GLN A 15 1.04 -4.92 0.68
N CYS A 16 0.39 -5.43 1.71
CA CYS A 16 0.95 -6.54 2.47
C CYS A 16 -0.06 -7.68 2.56
N NH2 A 17 -0.66 -7.87 3.63
N GLY A 1 6.56 2.08 4.90
CA GLY A 1 6.23 0.81 4.22
C GLY A 1 4.78 0.77 3.79
N CYS A 2 4.45 -0.16 2.90
CA CYS A 2 3.10 -0.24 2.36
C CYS A 2 2.22 -1.18 3.16
N CYS A 3 2.61 -1.44 4.39
CA CYS A 3 1.83 -2.24 5.30
C CYS A 3 1.21 -1.35 6.38
N SER A 4 1.47 -0.06 6.26
CA SER A 4 0.94 0.93 7.21
C SER A 4 0.03 1.92 6.49
N ASN A 5 -0.51 1.48 5.36
CA ASN A 5 -1.34 2.28 4.47
C ASN A 5 -0.67 3.57 4.00
N PRO A 6 0.13 3.47 2.93
CA PRO A 6 0.45 4.59 2.08
C PRO A 6 -0.39 4.52 0.80
N ALA A 7 0.10 5.07 -0.30
CA ALA A 7 -0.64 5.00 -1.56
C ALA A 7 -0.62 3.59 -2.16
N CYS A 8 0.21 2.72 -1.59
CA CYS A 8 0.29 1.33 -2.03
C CYS A 8 -1.05 0.63 -1.88
N ILE A 9 -1.85 1.07 -0.95
CA ILE A 9 -3.16 0.47 -0.74
C ILE A 9 -4.15 1.02 -1.75
N LEU A 10 -4.01 2.30 -2.05
CA LEU A 10 -4.92 3.00 -2.95
C LEU A 10 -4.89 2.40 -4.36
N ASN A 11 -3.70 2.09 -4.84
CA ASN A 11 -3.53 1.54 -6.18
C ASN A 11 -3.33 0.03 -6.14
N ASN A 12 -3.02 -0.45 -4.93
CA ASN A 12 -2.79 -1.87 -4.65
C ASN A 12 -1.67 -2.50 -5.51
N PRO A 13 -0.49 -1.84 -5.65
CA PRO A 13 0.65 -2.46 -6.33
C PRO A 13 1.33 -3.48 -5.43
N ASN A 14 1.74 -3.03 -4.25
CA ASN A 14 2.41 -3.89 -3.29
C ASN A 14 1.43 -4.37 -2.22
N GLN A 15 0.96 -3.42 -1.39
CA GLN A 15 0.08 -3.74 -0.27
C GLN A 15 0.74 -4.74 0.68
N CYS A 16 -0.04 -5.34 1.55
CA CYS A 16 0.49 -6.18 2.62
C CYS A 16 -0.60 -7.09 3.17
N NH2 A 17 -0.82 -8.18 2.59
N GLY A 1 7.78 0.74 2.82
CA GLY A 1 6.63 0.31 3.64
C GLY A 1 5.30 0.68 3.02
N CYS A 2 4.47 -0.30 2.76
CA CYS A 2 3.16 -0.06 2.16
C CYS A 2 2.13 -1.02 2.74
N CYS A 3 2.28 -1.37 4.00
CA CYS A 3 1.39 -2.31 4.64
C CYS A 3 0.21 -1.61 5.33
N SER A 4 0.49 -0.48 5.98
CA SER A 4 -0.56 0.24 6.70
C SER A 4 -1.37 1.08 5.72
N ASN A 5 -0.89 2.29 5.39
CA ASN A 5 -1.52 3.14 4.39
C ASN A 5 -0.71 4.39 4.13
N PRO A 6 0.28 4.30 3.22
CA PRO A 6 0.94 5.47 2.68
C PRO A 6 0.22 5.97 1.43
N ALA A 7 0.47 5.31 0.30
CA ALA A 7 -0.28 5.56 -0.92
C ALA A 7 -0.42 4.29 -1.75
N CYS A 8 0.25 3.23 -1.31
CA CYS A 8 0.23 1.96 -2.01
C CYS A 8 -1.14 1.30 -1.95
N ILE A 9 -1.76 1.32 -0.79
CA ILE A 9 -3.03 0.61 -0.58
C ILE A 9 -4.04 1.05 -1.63
N LEU A 10 -4.22 2.35 -1.77
CA LEU A 10 -5.13 2.90 -2.75
C LEU A 10 -4.46 2.90 -4.13
N ASN A 11 -4.26 1.70 -4.66
CA ASN A 11 -3.57 1.48 -5.93
C ASN A 11 -3.27 -0.01 -6.09
N ASN A 12 -2.94 -0.65 -4.97
CA ASN A 12 -2.61 -2.07 -4.93
C ASN A 12 -1.45 -2.42 -5.88
N PRO A 13 -0.25 -1.83 -5.66
CA PRO A 13 0.95 -2.17 -6.41
C PRO A 13 1.85 -3.13 -5.64
N ASN A 14 1.45 -3.42 -4.40
CA ASN A 14 2.28 -4.19 -3.48
C ASN A 14 1.46 -4.60 -2.26
N GLN A 15 1.17 -3.62 -1.40
CA GLN A 15 0.50 -3.88 -0.12
C GLN A 15 1.27 -4.96 0.66
N CYS A 16 0.65 -5.60 1.64
CA CYS A 16 1.32 -6.62 2.41
C CYS A 16 0.47 -7.89 2.48
N NH2 A 17 0.57 -8.70 1.54
N GLY A 1 7.77 -0.92 2.46
CA GLY A 1 6.67 -0.34 3.27
C GLY A 1 5.33 -0.59 2.65
N CYS A 2 4.39 0.32 2.89
CA CYS A 2 3.06 0.25 2.31
C CYS A 2 2.28 -0.97 2.80
N CYS A 3 2.48 -1.33 4.06
CA CYS A 3 1.72 -2.41 4.66
C CYS A 3 0.44 -1.86 5.28
N SER A 4 0.51 -0.69 5.90
CA SER A 4 -0.65 -0.09 6.54
C SER A 4 -1.40 0.80 5.56
N ASN A 5 -0.99 2.07 5.44
CA ASN A 5 -1.63 3.00 4.50
C ASN A 5 -0.82 4.28 4.34
N PRO A 6 0.12 4.31 3.41
CA PRO A 6 0.77 5.53 2.96
C PRO A 6 0.06 6.10 1.73
N ALA A 7 0.26 5.46 0.59
CA ALA A 7 -0.48 5.80 -0.62
C ALA A 7 -0.63 4.57 -1.52
N CYS A 8 0.23 3.57 -1.29
CA CYS A 8 0.21 2.34 -2.08
C CYS A 8 -1.17 1.67 -2.07
N ILE A 9 -1.74 1.50 -0.89
CA ILE A 9 -2.99 0.75 -0.71
C ILE A 9 -4.10 1.31 -1.60
N LEU A 10 -4.02 2.59 -1.89
CA LEU A 10 -4.99 3.25 -2.78
C LEU A 10 -4.99 2.55 -4.15
N ASN A 11 -3.80 2.27 -4.66
CA ASN A 11 -3.64 1.65 -5.97
C ASN A 11 -3.53 0.13 -5.83
N ASN A 12 -3.01 -0.29 -4.68
CA ASN A 12 -2.79 -1.70 -4.33
C ASN A 12 -1.70 -2.37 -5.17
N PRO A 13 -0.49 -1.77 -5.28
CA PRO A 13 0.65 -2.42 -5.93
C PRO A 13 1.36 -3.35 -4.96
N ASN A 14 1.93 -2.77 -3.91
CA ASN A 14 2.56 -3.54 -2.87
C ASN A 14 1.77 -3.43 -1.57
N GLN A 15 0.71 -4.19 -1.48
CA GLN A 15 0.00 -4.37 -0.25
C GLN A 15 0.53 -5.63 0.43
N CYS A 16 0.67 -5.58 1.75
CA CYS A 16 1.31 -6.66 2.50
C CYS A 16 0.34 -7.82 2.73
N NH2 A 17 0.39 -8.80 1.95
N GLY A 1 7.10 0.44 4.96
CA GLY A 1 6.82 0.85 3.57
C GLY A 1 5.35 1.05 3.32
N CYS A 2 4.71 0.07 2.70
CA CYS A 2 3.30 0.17 2.37
C CYS A 2 2.54 -1.03 2.96
N CYS A 3 2.70 -1.22 4.25
CA CYS A 3 2.07 -2.33 4.95
C CYS A 3 0.98 -1.84 5.89
N SER A 4 0.83 -0.52 5.98
CA SER A 4 -0.29 0.07 6.70
C SER A 4 -1.16 0.85 5.70
N ASN A 5 -0.82 2.11 5.49
CA ASN A 5 -1.45 2.91 4.43
C ASN A 5 -0.80 4.28 4.30
N PRO A 6 0.22 4.38 3.43
CA PRO A 6 0.71 5.67 2.99
C PRO A 6 -0.12 6.16 1.80
N ALA A 7 -0.01 5.46 0.67
CA ALA A 7 -0.88 5.69 -0.47
C ALA A 7 -0.91 4.45 -1.36
N CYS A 8 0.09 3.57 -1.20
CA CYS A 8 0.18 2.33 -1.98
C CYS A 8 -1.13 1.56 -2.02
N ILE A 9 -1.77 1.46 -0.86
CA ILE A 9 -2.98 0.65 -0.71
C ILE A 9 -4.02 1.02 -1.75
N LEU A 10 -4.15 2.31 -2.01
CA LEU A 10 -5.12 2.82 -2.97
C LEU A 10 -4.81 2.28 -4.37
N ASN A 11 -3.54 2.28 -4.74
CA ASN A 11 -3.11 1.81 -6.05
C ASN A 11 -3.13 0.28 -6.11
N ASN A 12 -2.86 -0.34 -4.97
CA ASN A 12 -2.83 -1.81 -4.82
C ASN A 12 -1.68 -2.45 -5.60
N PRO A 13 -0.43 -1.96 -5.46
CA PRO A 13 0.71 -2.52 -6.19
C PRO A 13 1.29 -3.74 -5.48
N ASN A 14 1.57 -3.58 -4.19
CA ASN A 14 2.08 -4.66 -3.37
C ASN A 14 1.10 -5.00 -2.26
N GLN A 15 0.76 -4.00 -1.44
CA GLN A 15 -0.16 -4.15 -0.33
C GLN A 15 0.31 -5.23 0.63
N CYS A 16 1.21 -4.86 1.52
CA CYS A 16 1.69 -5.77 2.56
C CYS A 16 0.58 -6.02 3.58
N NH2 A 17 0.13 -7.18 3.70
N GLY A 1 5.34 1.59 6.29
CA GLY A 1 5.52 1.06 4.92
C GLY A 1 4.19 0.92 4.18
N CYS A 2 4.18 0.16 3.09
CA CYS A 2 2.97 -0.01 2.30
C CYS A 2 2.14 -1.19 2.78
N CYS A 3 2.35 -1.62 4.01
CA CYS A 3 1.50 -2.62 4.61
C CYS A 3 0.31 -1.95 5.28
N SER A 4 0.57 -0.80 5.90
CA SER A 4 -0.49 -0.06 6.57
C SER A 4 -1.29 0.76 5.55
N ASN A 5 -0.86 2.00 5.30
CA ASN A 5 -1.52 2.86 4.31
C ASN A 5 -0.76 4.15 4.07
N PRO A 6 0.21 4.11 3.14
CA PRO A 6 0.82 5.32 2.62
C PRO A 6 0.11 5.77 1.34
N ALA A 7 0.41 5.13 0.22
CA ALA A 7 -0.32 5.34 -1.01
C ALA A 7 -0.43 4.05 -1.82
N CYS A 8 0.34 3.04 -1.43
CA CYS A 8 0.32 1.76 -2.12
C CYS A 8 -1.06 1.14 -2.08
N ILE A 9 -1.69 1.13 -0.92
CA ILE A 9 -2.98 0.46 -0.74
C ILE A 9 -4.03 1.06 -1.68
N LEU A 10 -3.86 2.33 -2.00
CA LEU A 10 -4.81 3.05 -2.85
C LEU A 10 -4.83 2.48 -4.27
N ASN A 11 -3.69 1.98 -4.73
CA ASN A 11 -3.59 1.45 -6.09
C ASN A 11 -3.41 -0.06 -6.06
N ASN A 12 -3.03 -0.54 -4.88
CA ASN A 12 -2.82 -1.97 -4.60
C ASN A 12 -1.75 -2.62 -5.49
N PRO A 13 -0.56 -2.00 -5.68
CA PRO A 13 0.53 -2.61 -6.42
C PRO A 13 1.30 -3.60 -5.55
N ASN A 14 1.91 -3.08 -4.50
CA ASN A 14 2.68 -3.89 -3.57
C ASN A 14 1.78 -4.42 -2.46
N GLN A 15 1.43 -3.55 -1.52
CA GLN A 15 0.68 -3.92 -0.32
C GLN A 15 1.38 -5.10 0.40
N CYS A 16 0.74 -5.69 1.39
CA CYS A 16 1.33 -6.80 2.11
C CYS A 16 0.37 -7.98 2.15
N NH2 A 17 0.33 -8.75 1.15
N GLY A 1 7.64 1.04 1.92
CA GLY A 1 6.75 0.36 2.89
C GLY A 1 5.29 0.57 2.55
N CYS A 2 4.50 -0.50 2.57
CA CYS A 2 3.09 -0.38 2.26
C CYS A 2 2.25 -1.23 3.22
N CYS A 3 2.69 -1.30 4.47
CA CYS A 3 2.00 -2.12 5.46
C CYS A 3 1.47 -1.26 6.60
N SER A 4 1.59 0.06 6.45
CA SER A 4 1.06 1.00 7.42
C SER A 4 0.22 2.06 6.69
N ASN A 5 -0.37 1.63 5.59
CA ASN A 5 -1.22 2.48 4.73
C ASN A 5 -0.50 3.73 4.22
N PRO A 6 0.24 3.59 3.12
CA PRO A 6 0.58 4.69 2.25
C PRO A 6 -0.41 4.73 1.09
N ALA A 7 -0.01 5.23 -0.07
CA ALA A 7 -0.89 5.20 -1.22
C ALA A 7 -0.84 3.83 -1.91
N CYS A 8 0.00 2.94 -1.39
CA CYS A 8 0.11 1.59 -1.90
C CYS A 8 -1.22 0.85 -1.83
N ILE A 9 -1.99 1.19 -0.82
CA ILE A 9 -3.28 0.55 -0.61
C ILE A 9 -4.30 1.03 -1.64
N LEU A 10 -4.10 2.24 -2.13
CA LEU A 10 -5.02 2.84 -3.09
C LEU A 10 -4.85 2.20 -4.47
N ASN A 11 -3.62 2.15 -4.95
CA ASN A 11 -3.34 1.57 -6.27
C ASN A 11 -3.21 0.05 -6.18
N ASN A 12 -2.89 -0.41 -4.97
CA ASN A 12 -2.69 -1.84 -4.67
C ASN A 12 -1.55 -2.47 -5.50
N PRO A 13 -0.37 -1.83 -5.60
CA PRO A 13 0.78 -2.41 -6.31
C PRO A 13 1.56 -3.37 -5.43
N ASN A 14 1.38 -3.23 -4.13
CA ASN A 14 2.14 -3.99 -3.16
C ASN A 14 1.24 -4.39 -1.99
N GLN A 15 0.75 -3.39 -1.26
CA GLN A 15 -0.08 -3.63 -0.08
C GLN A 15 0.66 -4.55 0.92
N CYS A 16 -0.09 -5.17 1.82
CA CYS A 16 0.49 -5.98 2.87
C CYS A 16 -0.60 -6.82 3.53
N NH2 A 17 -1.41 -6.25 4.29
N GLY A 1 7.81 -0.79 2.68
CA GLY A 1 6.69 -0.32 3.51
C GLY A 1 5.35 -0.62 2.87
N CYS A 2 4.42 0.32 3.00
CA CYS A 2 3.10 0.20 2.39
C CYS A 2 2.35 -1.02 2.90
N CYS A 3 2.57 -1.37 4.16
CA CYS A 3 1.89 -2.52 4.75
C CYS A 3 0.62 -2.06 5.47
N SER A 4 0.68 -0.91 6.10
CA SER A 4 -0.48 -0.35 6.77
C SER A 4 -1.31 0.47 5.79
N ASN A 5 -0.92 1.73 5.58
CA ASN A 5 -1.60 2.60 4.62
C ASN A 5 -0.89 3.94 4.46
N PRO A 6 0.05 4.03 3.51
CA PRO A 6 0.62 5.28 3.08
C PRO A 6 -0.08 5.83 1.83
N ALA A 7 0.28 5.29 0.66
CA ALA A 7 -0.37 5.68 -0.59
C ALA A 7 -0.46 4.49 -1.56
N CYS A 8 0.41 3.49 -1.37
CA CYS A 8 0.39 2.28 -2.19
C CYS A 8 -0.99 1.64 -2.23
N ILE A 9 -1.59 1.47 -1.06
CA ILE A 9 -2.84 0.71 -0.91
C ILE A 9 -3.91 1.20 -1.87
N LEU A 10 -3.90 2.50 -2.14
CA LEU A 10 -4.87 3.12 -3.04
C LEU A 10 -4.86 2.47 -4.42
N ASN A 11 -3.69 2.02 -4.86
CA ASN A 11 -3.56 1.39 -6.18
C ASN A 11 -3.48 -0.13 -6.05
N ASN A 12 -3.25 -0.57 -4.81
CA ASN A 12 -3.07 -1.99 -4.49
C ASN A 12 -1.97 -2.66 -5.34
N PRO A 13 -0.76 -2.09 -5.37
CA PRO A 13 0.35 -2.67 -6.13
C PRO A 13 1.18 -3.64 -5.29
N ASN A 14 1.74 -3.12 -4.21
CA ASN A 14 2.50 -3.91 -3.26
C ASN A 14 1.59 -4.39 -2.14
N GLN A 15 1.14 -3.44 -1.31
CA GLN A 15 0.32 -3.75 -0.15
C GLN A 15 1.02 -4.77 0.75
N CYS A 16 0.27 -5.54 1.51
CA CYS A 16 0.85 -6.36 2.56
C CYS A 16 -0.17 -7.33 3.10
N NH2 A 17 -0.24 -8.46 2.59
N GLY A 1 5.91 1.78 5.35
CA GLY A 1 5.86 0.99 4.10
C GLY A 1 4.45 0.76 3.63
N CYS A 2 4.28 -0.14 2.65
CA CYS A 2 2.97 -0.38 2.07
C CYS A 2 2.21 -1.45 2.85
N CYS A 3 2.64 -1.73 4.07
CA CYS A 3 1.89 -2.59 4.97
C CYS A 3 1.02 -1.71 5.84
N SER A 4 1.34 -0.43 5.80
CA SER A 4 0.50 0.61 6.35
C SER A 4 -0.25 1.26 5.20
N ASN A 5 -0.88 2.41 5.41
CA ASN A 5 -1.62 3.04 4.34
C ASN A 5 -0.97 4.36 3.89
N PRO A 6 0.02 4.27 2.99
CA PRO A 6 0.54 5.44 2.27
C PRO A 6 -0.21 5.64 0.96
N ALA A 7 0.02 4.76 -0.02
CA ALA A 7 -0.70 4.82 -1.28
C ALA A 7 -0.85 3.44 -1.93
N CYS A 8 -0.05 2.47 -1.48
CA CYS A 8 -0.10 1.13 -2.05
C CYS A 8 -1.46 0.47 -1.87
N ILE A 9 -2.15 0.83 -0.80
CA ILE A 9 -3.47 0.29 -0.54
C ILE A 9 -4.50 0.89 -1.50
N LEU A 10 -4.16 2.06 -2.03
CA LEU A 10 -5.04 2.76 -2.96
C LEU A 10 -4.85 2.24 -4.38
N ASN A 11 -3.60 2.17 -4.83
CA ASN A 11 -3.31 1.78 -6.21
C ASN A 11 -3.20 0.26 -6.35
N ASN A 12 -3.03 -0.38 -5.20
CA ASN A 12 -2.92 -1.85 -5.08
C ASN A 12 -1.77 -2.45 -5.90
N PRO A 13 -0.53 -1.91 -5.82
CA PRO A 13 0.61 -2.51 -6.49
C PRO A 13 1.22 -3.62 -5.63
N ASN A 14 1.74 -3.22 -4.48
CA ASN A 14 2.34 -4.16 -3.54
C ASN A 14 1.31 -4.62 -2.52
N GLN A 15 0.90 -3.70 -1.65
CA GLN A 15 -0.09 -3.98 -0.61
C GLN A 15 0.34 -5.14 0.28
N CYS A 16 1.04 -4.82 1.35
CA CYS A 16 1.45 -5.81 2.33
C CYS A 16 0.28 -6.17 3.23
N NH2 A 17 -0.15 -5.30 4.02
N GLY A 1 7.43 0.49 3.11
CA GLY A 1 6.40 0.46 4.17
C GLY A 1 5.02 0.69 3.62
N CYS A 2 4.45 -0.32 2.98
CA CYS A 2 3.14 -0.20 2.39
C CYS A 2 2.13 -1.14 3.04
N CYS A 3 2.40 -1.53 4.28
CA CYS A 3 1.51 -2.44 4.97
C CYS A 3 0.42 -1.67 5.70
N SER A 4 0.77 -0.53 6.27
CA SER A 4 -0.21 0.30 6.97
C SER A 4 -1.14 1.00 5.98
N ASN A 5 -0.70 2.15 5.45
CA ASN A 5 -1.44 2.83 4.39
C ASN A 5 -0.69 4.04 3.86
N PRO A 6 0.12 3.83 2.82
CA PRO A 6 0.53 4.87 1.92
C PRO A 6 -0.30 4.77 0.63
N ALA A 7 0.21 5.22 -0.49
CA ALA A 7 -0.53 5.11 -1.74
C ALA A 7 -0.61 3.66 -2.22
N CYS A 8 0.20 2.79 -1.62
CA CYS A 8 0.24 1.39 -1.99
C CYS A 8 -1.09 0.68 -1.77
N ILE A 9 -1.86 1.14 -0.80
CA ILE A 9 -3.17 0.55 -0.55
C ILE A 9 -4.20 1.10 -1.53
N LEU A 10 -4.03 2.37 -1.87
CA LEU A 10 -4.95 3.08 -2.75
C LEU A 10 -4.92 2.48 -4.16
N ASN A 11 -3.72 2.26 -4.67
CA ASN A 11 -3.56 1.78 -6.04
C ASN A 11 -3.29 0.27 -6.06
N ASN A 12 -2.99 -0.25 -4.87
CA ASN A 12 -2.68 -1.67 -4.65
C ASN A 12 -1.53 -2.19 -5.51
N PRO A 13 -0.38 -1.49 -5.61
CA PRO A 13 0.79 -2.00 -6.32
C PRO A 13 1.49 -3.10 -5.54
N ASN A 14 1.62 -2.88 -4.24
CA ASN A 14 2.40 -3.76 -3.39
C ASN A 14 1.55 -4.29 -2.26
N GLN A 15 1.27 -3.45 -1.25
CA GLN A 15 0.58 -3.86 -0.03
C GLN A 15 1.29 -5.06 0.63
N CYS A 16 0.79 -5.50 1.78
CA CYS A 16 1.39 -6.62 2.48
C CYS A 16 0.45 -7.83 2.47
N NH2 A 17 0.57 -8.66 1.55
N GLY A 1 7.00 0.44 2.91
CA GLY A 1 6.21 0.98 4.03
C GLY A 1 4.72 1.03 3.72
N CYS A 2 4.29 0.26 2.72
CA CYS A 2 2.92 0.36 2.25
C CYS A 2 1.95 -0.39 3.17
N CYS A 3 2.46 -1.26 4.03
CA CYS A 3 1.61 -2.05 4.91
C CYS A 3 0.99 -1.17 6.01
N SER A 4 1.47 0.06 6.09
CA SER A 4 0.96 1.02 7.06
C SER A 4 0.00 2.00 6.39
N ASN A 5 -0.33 1.70 5.14
CA ASN A 5 -1.20 2.55 4.31
C ASN A 5 -0.66 3.98 4.19
N PRO A 6 0.37 4.19 3.35
CA PRO A 6 0.86 5.51 3.04
C PRO A 6 0.09 6.10 1.86
N ALA A 7 0.31 5.55 0.67
CA ALA A 7 -0.47 5.91 -0.50
C ALA A 7 -0.36 4.81 -1.55
N CYS A 8 -0.14 3.60 -1.09
CA CYS A 8 0.04 2.46 -1.97
C CYS A 8 -1.28 1.71 -2.16
N ILE A 9 -1.89 1.35 -1.04
CA ILE A 9 -3.11 0.52 -1.02
C ILE A 9 -4.18 1.04 -1.96
N LEU A 10 -4.25 2.35 -2.10
CA LEU A 10 -5.21 2.98 -3.01
C LEU A 10 -5.06 2.42 -4.43
N ASN A 11 -3.83 2.14 -4.82
CA ASN A 11 -3.54 1.59 -6.14
C ASN A 11 -3.40 0.07 -6.07
N ASN A 12 -3.02 -0.40 -4.88
CA ASN A 12 -2.79 -1.82 -4.61
C ASN A 12 -1.59 -2.38 -5.40
N PRO A 13 -0.41 -1.75 -5.31
CA PRO A 13 0.78 -2.20 -6.04
C PRO A 13 1.35 -3.48 -5.43
N ASN A 14 1.67 -3.39 -4.15
CA ASN A 14 2.17 -4.53 -3.41
C ASN A 14 1.14 -5.01 -2.39
N GLN A 15 0.93 -4.21 -1.33
CA GLN A 15 0.01 -4.53 -0.24
C GLN A 15 0.44 -5.80 0.50
N CYS A 16 0.43 -5.73 1.82
CA CYS A 16 0.85 -6.84 2.65
C CYS A 16 -0.30 -7.82 2.87
N NH2 A 17 -1.10 -7.61 3.81
#